data_6T6F
#
_entry.id   6T6F
#
_cell.length_a   109.950
_cell.length_b   115.730
_cell.length_c   53.960
_cell.angle_alpha   90.000
_cell.angle_beta   90.000
_cell.angle_gamma   90.000
#
_symmetry.space_group_name_H-M   'P 21 21 2'
#
loop_
_entity.id
_entity.type
_entity.pdbx_description
1 polymer 'Calcium/calmodulin-dependent protein kinase type 1D'
2 non-polymer 2-[(3~{S})-3-azanylpiperidin-1-yl]-4-[[3-(trifluoromethyl)phenyl]amino]pyrimidine-5-carboxamide
3 water water
#
_entity_poly.entity_id   1
_entity_poly.type   'polypeptide(L)'
_entity_poly.pdbx_seq_one_letter_code
;SMSSWKKQAEDIKKIFEFKETLGTGAFSEVVLAEEKATGKLFAVKCIPKKALKGKESSIENEIAVLRKIKHENIVALEDI
YESPNHLYLVMQLVSGGELFDRIVEKGFYTEKDASTLIRQVLDAVYYLHRMGIVHRDLKPENLLYYSQDEESKIMISDFG
LSKMEGKGDVMSTACGTPGYVAPEVLAQKPYSKAVDCWSIGVIAYILLCGYPPFYDENDSKLFEQILKAEYEFDSPYWDD
ISDSAKDFIRNLMEKDPNKRYTCEQAARHPWIAGDTALNKNIHESVSAQIRKNFAKSKWRQAFNATAVVRHMRKLHLGSS
LD
;
_entity_poly.pdbx_strand_id   A,B
#
loop_
_chem_comp.id
_chem_comp.type
_chem_comp.name
_chem_comp.formula
MMW non-polymer 2-[(3~{S})-3-azanylpiperidin-1-yl]-4-[[3-(trifluoromethyl)phenyl]amino]pyrimidine-5-carboxamide 'C17 H19 F3 N6 O'
#
# COMPACT_ATOMS: atom_id res chain seq x y z
CA TRP A 5 13.91 -12.00 -28.36
C TRP A 5 13.49 -10.71 -27.68
N LYS A 6 14.47 -10.01 -27.12
CA LYS A 6 14.24 -8.75 -26.42
C LYS A 6 14.47 -7.58 -27.37
N LYS A 7 13.46 -6.72 -27.51
CA LYS A 7 13.64 -5.50 -28.29
C LYS A 7 14.59 -4.56 -27.58
N GLN A 8 15.39 -3.84 -28.36
CA GLN A 8 16.40 -2.94 -27.83
C GLN A 8 15.93 -1.51 -27.88
N ALA A 9 16.18 -0.78 -26.80
CA ALA A 9 15.82 0.64 -26.70
C ALA A 9 16.90 1.36 -25.92
N GLU A 10 17.51 2.37 -26.53
CA GLU A 10 18.49 3.18 -25.81
C GLU A 10 17.81 3.96 -24.69
N ASP A 11 16.63 4.50 -24.95
CA ASP A 11 15.81 5.17 -23.95
C ASP A 11 14.40 4.58 -24.04
N ILE A 12 14.01 3.82 -23.02
CA ILE A 12 12.66 3.23 -23.01
C ILE A 12 11.59 4.31 -23.03
N LYS A 13 11.92 5.51 -22.54
CA LYS A 13 10.95 6.59 -22.50
C LYS A 13 10.62 7.15 -23.88
N LYS A 14 11.41 6.81 -24.90
CA LYS A 14 11.04 7.15 -26.27
C LYS A 14 9.94 6.24 -26.79
N ILE A 15 9.74 5.07 -26.18
CA ILE A 15 8.72 4.13 -26.59
C ILE A 15 7.46 4.28 -25.73
N PHE A 16 7.62 4.45 -24.43
CA PHE A 16 6.50 4.47 -23.49
C PHE A 16 6.52 5.75 -22.68
N GLU A 17 5.31 6.27 -22.41
CA GLU A 17 5.11 7.33 -21.43
C GLU A 17 4.66 6.68 -20.13
N PHE A 18 5.51 6.75 -19.10
CA PHE A 18 5.21 6.10 -17.83
C PHE A 18 4.34 7.02 -16.99
N LYS A 19 3.12 6.56 -16.68
CA LYS A 19 2.08 7.42 -16.13
C LYS A 19 1.86 7.26 -14.64
N GLU A 20 1.83 6.03 -14.13
CA GLU A 20 1.40 5.81 -12.76
C GLU A 20 1.98 4.51 -12.23
N THR A 21 2.61 4.58 -11.06
CA THR A 21 3.14 3.39 -10.43
C THR A 21 2.00 2.54 -9.89
N LEU A 22 2.06 1.23 -10.15
CA LEU A 22 1.02 0.31 -9.73
C LEU A 22 1.43 -0.57 -8.56
N GLY A 23 2.71 -0.88 -8.45
CA GLY A 23 3.23 -1.70 -7.37
C GLY A 23 4.74 -1.75 -7.39
N THR A 24 5.35 -1.76 -6.21
CA THR A 24 6.79 -1.79 -6.09
C THR A 24 7.19 -2.97 -5.21
N GLY A 25 8.10 -3.81 -5.72
CA GLY A 25 8.65 -4.89 -4.96
C GLY A 25 10.13 -4.71 -4.68
N ALA A 26 10.73 -5.74 -4.10
CA ALA A 26 12.14 -5.67 -3.74
C ALA A 26 13.02 -5.56 -4.99
N PHE A 27 12.62 -6.20 -6.09
CA PHE A 27 13.46 -6.24 -7.28
C PHE A 27 12.75 -5.80 -8.56
N SER A 28 11.56 -5.20 -8.46
CA SER A 28 10.87 -4.73 -9.65
C SER A 28 9.78 -3.75 -9.27
N GLU A 29 9.25 -3.07 -10.28
CA GLU A 29 8.13 -2.15 -10.13
C GLU A 29 7.27 -2.23 -11.39
N VAL A 30 5.96 -2.30 -11.22
CA VAL A 30 5.02 -2.32 -12.33
C VAL A 30 4.41 -0.94 -12.46
N VAL A 31 4.44 -0.40 -13.68
CA VAL A 31 4.02 0.97 -13.96
C VAL A 31 3.03 0.95 -15.12
N LEU A 32 1.93 1.69 -14.96
CA LEU A 32 1.02 1.91 -16.07
C LEU A 32 1.67 2.84 -17.09
N ALA A 33 1.79 2.37 -18.33
CA ALA A 33 2.50 3.12 -19.36
C ALA A 33 1.70 3.13 -20.65
N GLU A 34 1.89 4.20 -21.42
CA GLU A 34 1.22 4.40 -22.70
C GLU A 34 2.24 4.28 -23.83
N GLU A 35 1.96 3.40 -24.79
CA GLU A 35 2.78 3.32 -25.99
C GLU A 35 2.62 4.60 -26.81
N LYS A 36 3.70 5.36 -26.94
CA LYS A 36 3.61 6.69 -27.54
C LYS A 36 3.14 6.62 -29.00
N ALA A 37 3.54 5.58 -29.73
CA ALA A 37 3.20 5.50 -31.15
C ALA A 37 1.74 5.16 -31.38
N THR A 38 1.06 4.57 -30.40
CA THR A 38 -0.31 4.08 -30.59
C THR A 38 -1.33 4.61 -29.60
N GLY A 39 -0.90 5.09 -28.42
CA GLY A 39 -1.84 5.43 -27.37
C GLY A 39 -2.35 4.25 -26.57
N LYS A 40 -1.93 3.04 -26.90
CA LYS A 40 -2.37 1.87 -26.15
C LYS A 40 -1.70 1.83 -24.77
N LEU A 41 -2.45 1.35 -23.78
CA LEU A 41 -1.99 1.29 -22.40
C LEU A 41 -1.51 -0.12 -22.06
N PHE A 42 -0.44 -0.18 -21.26
CA PHE A 42 0.12 -1.45 -20.81
C PHE A 42 0.57 -1.33 -19.37
N ALA A 43 0.76 -2.47 -18.73
CA ALA A 43 1.39 -2.57 -17.42
C ALA A 43 2.82 -3.05 -17.64
N VAL A 44 3.79 -2.16 -17.43
CA VAL A 44 5.18 -2.44 -17.72
C VAL A 44 5.91 -2.77 -16.43
N LYS A 45 6.47 -3.98 -16.36
CA LYS A 45 7.26 -4.42 -15.22
C LYS A 45 8.71 -4.00 -15.46
N CYS A 46 9.21 -3.09 -14.64
CA CYS A 46 10.57 -2.56 -14.79
C CYS A 46 11.49 -3.29 -13.83
N ILE A 47 12.52 -3.94 -14.37
CA ILE A 47 13.41 -4.78 -13.60
C ILE A 47 14.84 -4.27 -13.78
N PRO A 48 15.51 -3.82 -12.72
CA PRO A 48 16.93 -3.46 -12.85
C PRO A 48 17.78 -4.70 -13.08
N LYS A 49 18.71 -4.59 -14.04
CA LYS A 49 19.54 -5.73 -14.41
C LYS A 49 20.41 -6.18 -13.26
N LYS A 50 20.80 -5.26 -12.37
CA LYS A 50 21.62 -5.63 -11.22
C LYS A 50 20.93 -6.63 -10.32
N ALA A 51 19.60 -6.57 -10.24
CA ALA A 51 18.84 -7.51 -9.42
C ALA A 51 18.94 -8.96 -9.93
N LEU A 52 19.23 -9.14 -11.22
CA LEU A 52 19.27 -10.47 -11.83
C LEU A 52 20.70 -11.01 -11.93
N LYS A 53 21.63 -10.46 -11.14
CA LYS A 53 23.04 -10.84 -11.25
C LYS A 53 23.26 -12.34 -11.06
N GLY A 54 22.49 -12.97 -10.17
CA GLY A 54 22.78 -14.36 -9.82
C GLY A 54 22.45 -15.36 -10.92
N LYS A 55 21.36 -15.15 -11.66
CA LYS A 55 20.99 -16.14 -12.68
C LYS A 55 20.18 -15.46 -13.79
N GLU A 56 20.87 -14.69 -14.63
CA GLU A 56 20.21 -14.07 -15.78
C GLU A 56 19.70 -15.11 -16.77
N SER A 57 20.40 -16.24 -16.90
CA SER A 57 20.01 -17.23 -17.90
C SER A 57 18.66 -17.86 -17.57
N SER A 58 18.40 -18.16 -16.30
CA SER A 58 17.12 -18.77 -15.93
C SER A 58 15.97 -17.78 -16.15
N ILE A 59 16.21 -16.49 -15.87
CA ILE A 59 15.18 -15.48 -16.11
C ILE A 59 14.93 -15.35 -17.61
N GLU A 60 15.99 -15.43 -18.41
CA GLU A 60 15.84 -15.37 -19.86
C GLU A 60 15.01 -16.55 -20.38
N ASN A 61 15.28 -17.76 -19.86
CA ASN A 61 14.51 -18.92 -20.29
C ASN A 61 13.05 -18.81 -19.88
N GLU A 62 12.80 -18.33 -18.65
CA GLU A 62 11.43 -18.18 -18.17
C GLU A 62 10.64 -17.19 -19.01
N ILE A 63 11.19 -15.99 -19.23
CA ILE A 63 10.47 -14.98 -20.00
C ILE A 63 10.22 -15.46 -21.43
N ALA A 64 11.18 -16.20 -22.00
CA ALA A 64 10.99 -16.72 -23.35
C ALA A 64 9.81 -17.66 -23.42
N VAL A 65 9.61 -18.48 -22.38
CA VAL A 65 8.44 -19.34 -22.33
C VAL A 65 7.18 -18.50 -22.13
N LEU A 66 7.24 -17.52 -21.22
CA LEU A 66 6.08 -16.68 -20.93
C LEU A 66 5.58 -15.97 -22.19
N ARG A 67 6.49 -15.62 -23.10
CA ARG A 67 6.06 -14.98 -24.35
C ARG A 67 5.18 -15.89 -25.19
N LYS A 68 5.38 -17.20 -25.10
CA LYS A 68 4.63 -18.14 -25.93
C LYS A 68 3.34 -18.61 -25.30
N ILE A 69 3.22 -18.56 -23.96
CA ILE A 69 2.04 -19.07 -23.30
C ILE A 69 0.87 -18.13 -23.52
N LYS A 70 -0.33 -18.71 -23.54
CA LYS A 70 -1.57 -17.95 -23.70
C LYS A 70 -2.66 -18.63 -22.88
N HIS A 71 -3.29 -17.88 -21.98
CA HIS A 71 -4.32 -18.46 -21.13
C HIS A 71 -5.35 -17.42 -20.75
N GLU A 72 -6.60 -17.89 -20.66
CA GLU A 72 -7.75 -17.07 -20.29
C GLU A 72 -7.48 -16.21 -19.07
N ASN A 73 -6.89 -16.80 -18.04
CA ASN A 73 -6.76 -16.19 -16.72
C ASN A 73 -5.34 -15.76 -16.39
N ILE A 74 -4.50 -15.57 -17.40
CA ILE A 74 -3.13 -15.10 -17.20
C ILE A 74 -2.91 -13.89 -18.11
N VAL A 75 -2.24 -12.87 -17.57
N VAL A 75 -2.26 -12.87 -17.57
CA VAL A 75 -1.94 -11.69 -18.35
CA VAL A 75 -1.92 -11.70 -18.37
C VAL A 75 -0.99 -12.07 -19.48
C VAL A 75 -1.03 -12.13 -19.52
N ALA A 76 -1.21 -11.48 -20.66
CA ALA A 76 -0.36 -11.74 -21.81
C ALA A 76 0.93 -10.94 -21.66
N LEU A 77 2.06 -11.60 -21.89
CA LEU A 77 3.34 -10.88 -22.00
C LEU A 77 3.47 -10.43 -23.44
N GLU A 78 3.19 -9.14 -23.68
CA GLU A 78 3.06 -8.66 -25.05
C GLU A 78 4.42 -8.37 -25.68
N ASP A 79 5.41 -7.99 -24.89
CA ASP A 79 6.71 -7.61 -25.43
C ASP A 79 7.74 -7.61 -24.32
N ILE A 80 9.01 -7.68 -24.73
CA ILE A 80 10.14 -7.52 -23.83
C ILE A 80 11.06 -6.46 -24.42
N TYR A 81 11.36 -5.43 -23.63
CA TYR A 81 12.34 -4.43 -24.03
C TYR A 81 13.56 -4.53 -23.12
N GLU A 82 14.68 -4.03 -23.63
CA GLU A 82 15.92 -4.05 -22.88
C GLU A 82 16.64 -2.74 -23.08
N SER A 83 17.03 -2.11 -21.97
CA SER A 83 17.86 -0.93 -21.92
C SER A 83 19.21 -1.30 -21.31
N PRO A 84 20.19 -0.39 -21.31
CA PRO A 84 21.49 -0.74 -20.73
C PRO A 84 21.41 -1.24 -19.29
N ASN A 85 20.46 -0.75 -18.49
CA ASN A 85 20.40 -1.13 -17.08
C ASN A 85 19.07 -1.77 -16.67
N HIS A 86 18.15 -2.02 -17.59
CA HIS A 86 16.84 -2.51 -17.19
C HIS A 86 16.30 -3.51 -18.21
N LEU A 87 15.42 -4.37 -17.70
CA LEU A 87 14.56 -5.22 -18.51
C LEU A 87 13.12 -4.76 -18.32
N TYR A 88 12.36 -4.70 -19.40
CA TYR A 88 10.98 -4.23 -19.36
C TYR A 88 10.06 -5.32 -19.90
N LEU A 89 9.21 -5.86 -19.03
CA LEU A 89 8.17 -6.80 -19.44
C LEU A 89 6.89 -6.00 -19.69
N VAL A 90 6.46 -5.95 -20.95
CA VAL A 90 5.27 -5.21 -21.33
C VAL A 90 4.09 -6.17 -21.22
N MET A 91 3.25 -5.98 -20.21
CA MET A 91 2.16 -6.89 -19.93
C MET A 91 0.83 -6.26 -20.29
N GLN A 92 -0.14 -7.12 -20.57
CA GLN A 92 -1.52 -6.69 -20.78
C GLN A 92 -2.03 -5.98 -19.54
N LEU A 93 -2.72 -4.85 -19.74
CA LEU A 93 -3.25 -4.07 -18.62
C LEU A 93 -4.61 -4.63 -18.22
N VAL A 94 -4.74 -5.00 -16.94
CA VAL A 94 -5.98 -5.50 -16.38
C VAL A 94 -6.56 -4.40 -15.51
N SER A 95 -7.70 -3.84 -15.92
CA SER A 95 -8.27 -2.67 -15.28
C SER A 95 -9.64 -2.91 -14.66
N GLY A 96 -10.06 -4.17 -14.50
CA GLY A 96 -11.39 -4.44 -13.99
C GLY A 96 -11.54 -4.15 -12.50
N GLY A 97 -10.46 -4.19 -11.75
CA GLY A 97 -10.50 -3.92 -10.32
C GLY A 97 -9.82 -5.01 -9.52
N GLU A 98 -9.62 -4.70 -8.24
CA GLU A 98 -8.92 -5.59 -7.33
C GLU A 98 -9.88 -6.60 -6.71
N LEU A 99 -9.30 -7.73 -6.27
CA LEU A 99 -10.11 -8.84 -5.78
C LEU A 99 -10.83 -8.50 -4.48
N PHE A 100 -10.09 -7.98 -3.50
CA PHE A 100 -10.69 -7.76 -2.18
C PHE A 100 -11.69 -6.61 -2.21
N ASP A 101 -11.38 -5.55 -2.96
N ASP A 101 -11.41 -5.56 -2.97
CA ASP A 101 -12.33 -4.46 -3.15
CA ASP A 101 -12.38 -4.48 -3.09
C ASP A 101 -13.66 -4.99 -3.69
C ASP A 101 -13.68 -4.97 -3.71
N ARG A 102 -13.59 -5.89 -4.66
CA ARG A 102 -14.80 -6.43 -5.29
C ARG A 102 -15.65 -7.19 -4.27
N ILE A 103 -15.01 -8.04 -3.46
CA ILE A 103 -15.76 -8.84 -2.48
C ILE A 103 -16.39 -7.94 -1.41
N VAL A 104 -15.66 -6.93 -0.95
CA VAL A 104 -16.19 -6.05 0.10
C VAL A 104 -17.43 -5.33 -0.39
N GLU A 105 -17.41 -4.84 -1.62
CA GLU A 105 -18.50 -4.07 -2.20
C GLU A 105 -19.65 -4.93 -2.71
N LYS A 106 -19.53 -6.25 -2.68
CA LYS A 106 -20.51 -7.11 -3.36
C LYS A 106 -21.87 -7.10 -2.65
N GLY A 107 -21.89 -7.37 -1.35
CA GLY A 107 -23.15 -7.43 -0.64
C GLY A 107 -23.67 -8.84 -0.47
N PHE A 108 -23.55 -9.66 -1.51
CA PHE A 108 -23.92 -11.07 -1.46
C PHE A 108 -22.74 -11.86 -1.99
N TYR A 109 -22.21 -12.78 -1.17
CA TYR A 109 -21.00 -13.49 -1.50
C TYR A 109 -21.04 -14.87 -0.85
N THR A 110 -20.74 -15.91 -1.63
CA THR A 110 -20.93 -17.29 -1.20
C THR A 110 -19.69 -18.12 -1.49
N GLU A 111 -19.72 -19.36 -0.99
CA GLU A 111 -18.67 -20.33 -1.34
C GLU A 111 -18.61 -20.54 -2.84
N LYS A 112 -19.77 -20.52 -3.52
CA LYS A 112 -19.78 -20.70 -4.97
C LYS A 112 -18.98 -19.61 -5.66
N ASP A 113 -19.05 -18.38 -5.15
CA ASP A 113 -18.24 -17.30 -5.69
C ASP A 113 -16.76 -17.58 -5.47
N ALA A 114 -16.39 -18.00 -4.25
CA ALA A 114 -15.00 -18.32 -3.96
C ALA A 114 -14.53 -19.51 -4.77
N SER A 115 -15.38 -20.52 -4.94
CA SER A 115 -14.99 -21.70 -5.72
C SER A 115 -14.79 -21.34 -7.19
N THR A 116 -15.65 -20.46 -7.72
CA THR A 116 -15.48 -20.02 -9.11
C THR A 116 -14.14 -19.31 -9.30
N LEU A 117 -13.75 -18.48 -8.33
CA LEU A 117 -12.45 -17.80 -8.43
C LEU A 117 -11.30 -18.78 -8.38
N ILE A 118 -11.32 -19.70 -7.42
CA ILE A 118 -10.24 -20.67 -7.27
C ILE A 118 -10.18 -21.60 -8.48
N ARG A 119 -11.32 -21.92 -9.08
CA ARG A 119 -11.34 -22.78 -10.25
C ARG A 119 -10.55 -22.17 -11.40
N GLN A 120 -10.69 -20.86 -11.61
CA GLN A 120 -9.91 -20.19 -12.65
C GLN A 120 -8.42 -20.17 -12.30
N VAL A 121 -8.10 -19.91 -11.03
CA VAL A 121 -6.70 -19.89 -10.61
C VAL A 121 -6.07 -21.28 -10.78
N LEU A 122 -6.81 -22.32 -10.39
CA LEU A 122 -6.30 -23.69 -10.54
C LEU A 122 -6.02 -24.01 -12.00
N ASP A 123 -6.92 -23.62 -12.92
CA ASP A 123 -6.72 -23.91 -14.33
C ASP A 123 -5.50 -23.18 -14.88
N ALA A 124 -5.30 -21.93 -14.46
CA ALA A 124 -4.17 -21.15 -14.97
C ALA A 124 -2.85 -21.71 -14.48
N VAL A 125 -2.77 -22.09 -13.20
CA VAL A 125 -1.52 -22.59 -12.64
C VAL A 125 -1.24 -24.01 -13.13
N TYR A 126 -2.28 -24.82 -13.28
CA TYR A 126 -2.13 -26.13 -13.90
C TYR A 126 -1.49 -26.01 -15.28
N TYR A 127 -1.98 -25.05 -16.08
CA TYR A 127 -1.39 -24.80 -17.40
C TYR A 127 0.07 -24.36 -17.26
N LEU A 128 0.35 -23.42 -16.36
CA LEU A 128 1.72 -22.99 -16.12
C LEU A 128 2.62 -24.16 -15.76
N HIS A 129 2.15 -25.05 -14.88
CA HIS A 129 2.95 -26.20 -14.50
C HIS A 129 3.16 -27.15 -15.69
N ARG A 130 2.14 -27.31 -16.53
CA ARG A 130 2.30 -28.13 -17.73
C ARG A 130 3.35 -27.57 -18.67
N MET A 131 3.47 -26.24 -18.72
CA MET A 131 4.50 -25.59 -19.54
C MET A 131 5.83 -25.46 -18.81
N GLY A 132 5.96 -26.04 -17.63
CA GLY A 132 7.23 -26.02 -16.92
C GLY A 132 7.51 -24.74 -16.16
N ILE A 133 6.50 -23.96 -15.82
CA ILE A 133 6.67 -22.69 -15.13
C ILE A 133 6.13 -22.83 -13.71
N VAL A 134 6.96 -22.45 -12.74
CA VAL A 134 6.53 -22.24 -11.36
C VAL A 134 6.31 -20.75 -11.17
N HIS A 135 5.12 -20.37 -10.72
CA HIS A 135 4.81 -18.94 -10.62
C HIS A 135 5.59 -18.28 -9.47
N ARG A 136 5.54 -18.88 -8.28
CA ARG A 136 6.33 -18.56 -7.09
C ARG A 136 5.84 -17.33 -6.34
N ASP A 137 4.80 -16.65 -6.81
CA ASP A 137 4.30 -15.46 -6.13
C ASP A 137 2.80 -15.33 -6.30
N LEU A 138 2.07 -16.40 -6.03
CA LEU A 138 0.63 -16.37 -6.08
C LEU A 138 0.11 -15.80 -4.76
N LYS A 139 -0.60 -14.67 -4.85
CA LYS A 139 -1.17 -14.02 -3.68
C LYS A 139 -2.35 -13.18 -4.14
N PRO A 140 -3.24 -12.79 -3.23
CA PRO A 140 -4.46 -12.06 -3.67
C PRO A 140 -4.18 -10.79 -4.44
N GLU A 141 -3.12 -10.05 -4.10
CA GLU A 141 -2.86 -8.79 -4.79
C GLU A 141 -2.46 -8.99 -6.25
N ASN A 142 -2.05 -10.20 -6.63
CA ASN A 142 -1.71 -10.51 -8.02
C ASN A 142 -2.91 -11.01 -8.82
N LEU A 143 -4.11 -10.96 -8.24
CA LEU A 143 -5.33 -11.39 -8.92
C LEU A 143 -6.20 -10.16 -9.18
N LEU A 144 -6.43 -9.87 -10.46
CA LEU A 144 -7.21 -8.71 -10.87
C LEU A 144 -8.30 -9.13 -11.84
N TYR A 145 -9.42 -8.41 -11.81
CA TYR A 145 -10.55 -8.72 -12.67
C TYR A 145 -10.35 -8.14 -14.06
N TYR A 146 -10.72 -8.91 -15.08
CA TYR A 146 -10.55 -8.47 -16.46
C TYR A 146 -11.37 -7.22 -16.76
N SER A 147 -12.61 -7.18 -16.27
CA SER A 147 -13.50 -6.05 -16.55
C SER A 147 -14.31 -5.74 -15.30
N GLN A 148 -15.05 -4.63 -15.37
CA GLN A 148 -15.89 -4.21 -14.25
C GLN A 148 -17.16 -5.02 -14.13
N ASP A 149 -17.51 -5.79 -15.16
CA ASP A 149 -18.72 -6.62 -15.12
C ASP A 149 -18.69 -7.55 -13.91
N GLU A 150 -19.87 -7.76 -13.32
CA GLU A 150 -19.98 -8.61 -12.14
C GLU A 150 -19.51 -10.03 -12.40
N GLU A 151 -19.67 -10.52 -13.63
CA GLU A 151 -19.30 -11.87 -13.99
C GLU A 151 -17.92 -11.94 -14.65
N SER A 152 -17.11 -10.90 -14.49
CA SER A 152 -15.80 -10.86 -15.13
C SER A 152 -14.90 -11.98 -14.62
N LYS A 153 -14.08 -12.52 -15.52
CA LYS A 153 -13.08 -13.49 -15.13
C LYS A 153 -11.99 -12.83 -14.28
N ILE A 154 -11.29 -13.65 -13.51
CA ILE A 154 -10.16 -13.20 -12.73
C ILE A 154 -8.89 -13.56 -13.49
N MET A 155 -7.81 -12.82 -13.22
CA MET A 155 -6.59 -12.97 -14.00
C MET A 155 -5.37 -12.85 -13.10
N ILE A 156 -4.47 -13.83 -13.21
CA ILE A 156 -3.13 -13.67 -12.66
C ILE A 156 -2.45 -12.55 -13.45
N SER A 157 -2.10 -11.46 -12.76
CA SER A 157 -1.75 -10.22 -13.43
C SER A 157 -0.30 -9.81 -13.26
N ASP A 158 0.50 -10.60 -12.54
CA ASP A 158 1.92 -10.31 -12.37
C ASP A 158 2.66 -11.63 -12.22
N PHE A 159 3.98 -11.58 -12.35
CA PHE A 159 4.80 -12.77 -12.25
C PHE A 159 5.87 -12.56 -11.19
N GLY A 160 6.35 -13.69 -10.64
CA GLY A 160 7.35 -13.65 -9.61
C GLY A 160 8.68 -14.20 -10.08
N LEU A 161 9.44 -13.38 -10.81
CA LEU A 161 10.68 -13.84 -11.41
C LEU A 161 11.75 -14.12 -10.37
N SER A 162 11.65 -13.55 -9.18
CA SER A 162 12.60 -13.81 -8.11
C SER A 162 12.42 -15.23 -7.57
N PRO A 178 5.89 -13.23 3.97
CA PRO A 178 6.14 -14.64 4.33
C PRO A 178 4.85 -15.40 4.64
N GLY A 179 3.74 -14.66 4.76
CA GLY A 179 2.48 -15.28 5.12
C GLY A 179 1.97 -16.27 4.10
N TYR A 180 2.28 -16.04 2.82
CA TYR A 180 1.75 -16.87 1.73
C TYR A 180 2.71 -17.96 1.27
N VAL A 181 3.90 -18.05 1.82
CA VAL A 181 4.93 -18.94 1.27
C VAL A 181 4.88 -20.29 1.98
N ALA A 182 5.19 -21.34 1.22
CA ALA A 182 5.07 -22.70 1.72
C ALA A 182 6.10 -22.99 2.82
N PRO A 183 5.80 -23.95 3.70
CA PRO A 183 6.76 -24.27 4.78
C PRO A 183 8.12 -24.72 4.29
N GLU A 184 8.17 -25.49 3.19
CA GLU A 184 9.45 -25.97 2.70
C GLU A 184 10.33 -24.82 2.21
N VAL A 185 9.72 -23.74 1.74
CA VAL A 185 10.48 -22.55 1.38
C VAL A 185 11.09 -21.92 2.61
N LEU A 186 10.31 -21.79 3.69
CA LEU A 186 10.85 -21.27 4.94
C LEU A 186 11.92 -22.19 5.49
N ALA A 187 11.74 -23.51 5.33
CA ALA A 187 12.78 -24.47 5.69
C ALA A 187 13.97 -24.40 4.76
N GLN A 188 13.98 -23.46 3.81
CA GLN A 188 15.03 -23.29 2.82
C GLN A 188 15.22 -24.51 1.93
N LYS A 189 14.23 -25.42 1.91
CA LYS A 189 14.27 -26.55 1.01
C LYS A 189 14.04 -26.07 -0.43
N PRO A 190 14.44 -26.88 -1.42
CA PRO A 190 14.27 -26.47 -2.82
C PRO A 190 12.81 -26.33 -3.23
N TYR A 191 12.55 -25.29 -4.04
CA TYR A 191 11.23 -25.00 -4.54
C TYR A 191 10.70 -26.17 -5.38
N SER A 192 9.39 -26.13 -5.63
CA SER A 192 8.75 -27.09 -6.53
C SER A 192 7.47 -26.45 -7.05
N LYS A 193 6.78 -27.18 -7.93
CA LYS A 193 5.44 -26.77 -8.31
C LYS A 193 4.50 -26.78 -7.11
N ALA A 194 4.81 -27.61 -6.11
CA ALA A 194 3.96 -27.76 -4.93
C ALA A 194 3.83 -26.46 -4.14
N VAL A 195 4.83 -25.57 -4.22
CA VAL A 195 4.73 -24.32 -3.48
C VAL A 195 3.64 -23.45 -4.06
N ASP A 196 3.39 -23.53 -5.37
CA ASP A 196 2.27 -22.81 -5.96
C ASP A 196 0.94 -23.32 -5.44
N CYS A 197 0.82 -24.64 -5.26
CA CYS A 197 -0.42 -25.22 -4.79
C CYS A 197 -0.72 -24.82 -3.34
N TRP A 198 0.32 -24.77 -2.50
CA TRP A 198 0.16 -24.25 -1.14
C TRP A 198 -0.43 -22.84 -1.18
N SER A 199 0.14 -21.97 -2.03
CA SER A 199 -0.31 -20.59 -2.11
C SER A 199 -1.77 -20.49 -2.52
N ILE A 200 -2.21 -21.34 -3.45
CA ILE A 200 -3.61 -21.35 -3.85
C ILE A 200 -4.50 -21.73 -2.67
N GLY A 201 -4.04 -22.68 -1.84
CA GLY A 201 -4.77 -23.02 -0.64
C GLY A 201 -4.89 -21.85 0.33
N VAL A 202 -3.82 -21.05 0.45
CA VAL A 202 -3.87 -19.88 1.31
C VAL A 202 -4.87 -18.86 0.77
N ILE A 203 -4.88 -18.67 -0.56
CA ILE A 203 -5.84 -17.75 -1.17
C ILE A 203 -7.26 -18.22 -0.90
N ALA A 204 -7.50 -19.53 -1.03
CA ALA A 204 -8.83 -20.07 -0.77
C ALA A 204 -9.24 -19.85 0.69
N TYR A 205 -8.29 -20.01 1.62
CA TYR A 205 -8.57 -19.75 3.04
C TYR A 205 -9.06 -18.32 3.24
N ILE A 206 -8.35 -17.35 2.67
CA ILE A 206 -8.71 -15.95 2.86
C ILE A 206 -10.06 -15.66 2.20
N LEU A 207 -10.33 -16.26 1.04
CA LEU A 207 -11.58 -16.02 0.35
C LEU A 207 -12.80 -16.48 1.13
N LEU A 208 -12.63 -17.43 2.06
CA LEU A 208 -13.75 -17.99 2.80
C LEU A 208 -13.92 -17.39 4.19
N CYS A 209 -12.94 -16.66 4.71
CA CYS A 209 -13.04 -16.05 6.04
C CYS A 209 -12.57 -14.62 6.10
N GLY A 210 -11.76 -14.14 5.16
CA GLY A 210 -11.35 -12.76 5.11
C GLY A 210 -10.09 -12.42 5.88
N TYR A 211 -9.41 -13.40 6.46
CA TYR A 211 -8.17 -13.14 7.18
C TYR A 211 -7.14 -14.20 6.84
N PRO A 212 -5.85 -13.87 6.91
CA PRO A 212 -4.83 -14.85 6.55
C PRO A 212 -4.78 -15.97 7.57
N PRO A 213 -4.39 -17.19 7.15
CA PRO A 213 -4.39 -18.32 8.10
C PRO A 213 -3.33 -18.20 9.18
N PHE A 214 -2.23 -17.50 8.93
CA PHE A 214 -1.16 -17.34 9.90
C PHE A 214 -0.98 -15.88 10.27
N TYR A 215 -0.98 -15.59 11.57
CA TYR A 215 -0.71 -14.24 12.05
C TYR A 215 -0.16 -14.29 13.47
N ASP A 216 0.79 -13.40 13.75
CA ASP A 216 1.18 -13.09 15.11
C ASP A 216 1.90 -11.74 15.11
N GLU A 217 1.80 -11.05 16.25
CA GLU A 217 2.51 -9.77 16.40
C GLU A 217 4.02 -9.99 16.33
N ASN A 218 4.51 -11.10 16.88
CA ASN A 218 5.93 -11.40 16.91
C ASN A 218 6.28 -12.14 15.63
N ASP A 219 7.18 -11.56 14.83
CA ASP A 219 7.54 -12.14 13.54
C ASP A 219 8.20 -13.51 13.70
N SER A 220 9.01 -13.67 14.75
CA SER A 220 9.69 -14.94 14.97
C SER A 220 8.69 -16.06 15.26
N LYS A 221 7.66 -15.77 16.07
CA LYS A 221 6.64 -16.78 16.34
C LYS A 221 5.78 -17.04 15.11
N LEU A 222 5.58 -16.03 14.27
CA LEU A 222 4.87 -16.24 13.01
C LEU A 222 5.64 -17.19 12.10
N PHE A 223 6.96 -17.02 12.02
CA PHE A 223 7.80 -17.93 11.24
C PHE A 223 7.62 -19.37 11.70
N GLU A 224 7.67 -19.60 13.01
CA GLU A 224 7.50 -20.94 13.54
C GLU A 224 6.12 -21.51 13.22
N GLN A 225 5.10 -20.66 13.21
CA GLN A 225 3.74 -21.16 12.96
C GLN A 225 3.57 -21.57 11.50
N ILE A 226 4.14 -20.80 10.57
CA ILE A 226 4.08 -21.17 9.17
C ILE A 226 4.94 -22.41 8.91
N LEU A 227 6.15 -22.43 9.47
CA LEU A 227 7.06 -23.55 9.24
C LEU A 227 6.45 -24.87 9.70
N LYS A 228 5.70 -24.84 10.80
CA LYS A 228 5.02 -26.03 11.31
C LYS A 228 3.60 -26.16 10.77
N ALA A 229 3.18 -25.25 9.90
CA ALA A 229 1.83 -25.26 9.32
C ALA A 229 0.75 -25.27 10.40
N GLU A 230 0.94 -24.43 11.43
CA GLU A 230 0.00 -24.36 12.54
C GLU A 230 -1.08 -23.37 12.18
N TYR A 231 -2.23 -23.89 11.74
CA TYR A 231 -3.39 -23.07 11.42
C TYR A 231 -4.64 -23.83 11.79
N GLU A 232 -5.75 -23.10 11.92
CA GLU A 232 -7.03 -23.67 12.29
C GLU A 232 -8.13 -22.98 11.50
N PHE A 233 -9.28 -23.65 11.41
CA PHE A 233 -10.50 -23.03 10.88
C PHE A 233 -11.27 -22.46 12.07
N ASP A 234 -10.85 -21.27 12.49
CA ASP A 234 -11.26 -20.72 13.78
C ASP A 234 -12.76 -20.44 13.82
N SER A 235 -13.35 -20.69 14.99
CA SER A 235 -14.70 -20.28 15.31
C SER A 235 -14.72 -18.82 15.73
N PRO A 236 -15.81 -18.08 15.44
CA PRO A 236 -17.02 -18.54 14.76
C PRO A 236 -16.97 -18.30 13.25
N TYR A 237 -15.85 -17.78 12.77
CA TYR A 237 -15.74 -17.35 11.38
C TYR A 237 -15.94 -18.50 10.42
N TRP A 238 -15.46 -19.69 10.76
CA TRP A 238 -15.56 -20.86 9.90
C TRP A 238 -16.74 -21.77 10.26
N ASP A 239 -17.60 -21.34 11.19
CA ASP A 239 -18.67 -22.21 11.65
C ASP A 239 -19.66 -22.54 10.53
N ASP A 240 -19.93 -21.57 9.66
CA ASP A 240 -20.90 -21.75 8.59
C ASP A 240 -20.25 -22.14 7.26
N ILE A 241 -18.97 -22.48 7.28
CA ILE A 241 -18.27 -22.93 6.07
C ILE A 241 -18.40 -24.44 5.96
N SER A 242 -18.65 -24.91 4.75
CA SER A 242 -18.90 -26.34 4.54
C SER A 242 -17.66 -27.16 4.88
N ASP A 243 -17.90 -28.41 5.28
CA ASP A 243 -16.80 -29.33 5.52
C ASP A 243 -16.02 -29.62 4.24
N SER A 244 -16.72 -29.67 3.10
CA SER A 244 -16.06 -29.91 1.83
C SER A 244 -15.03 -28.82 1.52
N ALA A 245 -15.37 -27.57 1.80
CA ALA A 245 -14.43 -26.47 1.57
C ALA A 245 -13.20 -26.61 2.46
N LYS A 246 -13.39 -26.93 3.74
CA LYS A 246 -12.26 -27.11 4.64
C LYS A 246 -11.40 -28.29 4.22
N ASP A 247 -12.03 -29.37 3.76
CA ASP A 247 -11.27 -30.50 3.25
C ASP A 247 -10.44 -30.10 2.03
N PHE A 248 -11.02 -29.30 1.14
CA PHE A 248 -10.29 -28.80 -0.03
C PHE A 248 -9.06 -28.00 0.40
N ILE A 249 -9.24 -27.07 1.34
CA ILE A 249 -8.13 -26.24 1.78
C ILE A 249 -7.08 -27.07 2.50
N ARG A 250 -7.52 -28.05 3.31
CA ARG A 250 -6.58 -28.90 4.05
C ARG A 250 -5.61 -29.60 3.10
N ASN A 251 -6.11 -30.11 1.98
CA ASN A 251 -5.26 -30.86 1.06
C ASN A 251 -4.27 -29.97 0.33
N LEU A 252 -4.61 -28.69 0.13
CA LEU A 252 -3.66 -27.76 -0.49
C LEU A 252 -2.72 -27.18 0.56
N MET A 253 -3.24 -26.79 1.72
CA MET A 253 -2.41 -26.28 2.81
C MET A 253 -1.88 -27.45 3.64
N GLU A 254 -1.21 -28.37 2.95
CA GLU A 254 -0.61 -29.55 3.55
C GLU A 254 0.89 -29.30 3.71
N LYS A 255 1.39 -29.50 4.93
CA LYS A 255 2.79 -29.20 5.23
C LYS A 255 3.75 -29.98 4.35
N ASP A 256 3.50 -31.27 4.17
CA ASP A 256 4.36 -32.14 3.38
C ASP A 256 4.06 -31.97 1.91
N PRO A 257 5.00 -31.44 1.11
CA PRO A 257 4.74 -31.31 -0.33
C PRO A 257 4.58 -32.64 -1.03
N ASN A 258 5.10 -33.73 -0.47
CA ASN A 258 4.88 -35.05 -1.05
C ASN A 258 3.44 -35.51 -0.91
N LYS A 259 2.69 -34.97 0.05
CA LYS A 259 1.29 -35.31 0.24
C LYS A 259 0.35 -34.20 -0.23
N ARG A 260 0.89 -33.06 -0.66
CA ARG A 260 0.07 -31.92 -1.04
C ARG A 260 -0.62 -32.17 -2.38
N TYR A 261 -1.87 -31.72 -2.47
CA TYR A 261 -2.62 -31.77 -3.73
C TYR A 261 -1.85 -31.06 -4.85
N THR A 262 -1.93 -31.63 -6.05
CA THR A 262 -1.54 -30.88 -7.23
C THR A 262 -2.70 -30.01 -7.70
N CYS A 263 -2.40 -29.12 -8.65
CA CYS A 263 -3.45 -28.31 -9.25
C CYS A 263 -4.49 -29.19 -9.92
N GLU A 264 -4.05 -30.25 -10.61
CA GLU A 264 -4.97 -31.14 -11.30
C GLU A 264 -5.84 -31.91 -10.31
N GLN A 265 -5.24 -32.34 -9.20
CA GLN A 265 -6.01 -32.99 -8.13
C GLN A 265 -7.05 -32.04 -7.54
N ALA A 266 -6.63 -30.81 -7.23
CA ALA A 266 -7.54 -29.86 -6.61
C ALA A 266 -8.69 -29.51 -7.55
N ALA A 267 -8.44 -29.49 -8.85
CA ALA A 267 -9.49 -29.16 -9.82
C ALA A 267 -10.61 -30.20 -9.83
N ARG A 268 -10.33 -31.44 -9.45
N ARG A 268 -10.30 -31.44 -9.45
CA ARG A 268 -11.37 -32.47 -9.42
CA ARG A 268 -11.29 -32.51 -9.40
C ARG A 268 -11.92 -32.71 -8.02
C ARG A 268 -12.05 -32.57 -8.08
N HIS A 269 -11.61 -31.83 -7.06
CA HIS A 269 -12.25 -31.92 -5.76
C HIS A 269 -13.70 -31.48 -5.87
N PRO A 270 -14.62 -32.14 -5.16
CA PRO A 270 -16.05 -31.78 -5.28
C PRO A 270 -16.35 -30.31 -5.00
N TRP A 271 -15.54 -29.64 -4.18
CA TRP A 271 -15.79 -28.23 -3.93
C TRP A 271 -15.58 -27.39 -5.19
N ILE A 272 -14.67 -27.81 -6.06
CA ILE A 272 -14.43 -27.12 -7.33
C ILE A 272 -15.29 -27.71 -8.44
N ALA A 273 -15.19 -29.03 -8.66
CA ALA A 273 -15.82 -29.68 -9.79
C ALA A 273 -17.25 -30.13 -9.52
N GLY A 274 -17.64 -30.30 -8.27
CA GLY A 274 -18.96 -30.77 -7.92
C GLY A 274 -19.87 -29.65 -7.45
N ASP A 275 -20.80 -29.99 -6.55
CA ASP A 275 -21.82 -29.04 -6.09
C ASP A 275 -21.83 -28.94 -4.57
N THR A 276 -20.69 -29.16 -3.92
CA THR A 276 -20.64 -29.06 -2.46
C THR A 276 -20.48 -27.63 -1.96
N ALA A 277 -20.10 -26.68 -2.84
CA ALA A 277 -19.97 -25.30 -2.42
C ALA A 277 -21.33 -24.72 -2.08
N LEU A 278 -21.44 -24.10 -0.91
CA LEU A 278 -22.72 -23.61 -0.42
C LEU A 278 -23.09 -22.28 -1.06
N ASN A 279 -24.38 -21.93 -0.95
CA ASN A 279 -24.89 -20.66 -1.44
C ASN A 279 -25.28 -19.73 -0.28
N LYS A 280 -24.79 -20.01 0.92
CA LYS A 280 -25.06 -19.14 2.05
C LYS A 280 -24.29 -17.83 1.91
N ASN A 281 -24.94 -16.71 2.22
CA ASN A 281 -24.31 -15.41 2.16
C ASN A 281 -23.36 -15.27 3.35
N ILE A 282 -22.06 -15.21 3.08
CA ILE A 282 -21.05 -15.03 4.10
C ILE A 282 -20.37 -13.67 3.98
N HIS A 283 -20.98 -12.74 3.24
CA HIS A 283 -20.33 -11.47 2.95
C HIS A 283 -20.07 -10.67 4.22
N GLU A 284 -21.01 -10.70 5.17
CA GLU A 284 -20.89 -9.85 6.35
C GLU A 284 -19.61 -10.15 7.13
N SER A 285 -19.40 -11.43 7.48
CA SER A 285 -18.22 -11.79 8.25
C SER A 285 -16.95 -11.68 7.41
N VAL A 286 -17.00 -12.09 6.14
CA VAL A 286 -15.80 -12.09 5.31
C VAL A 286 -15.32 -10.65 5.06
N SER A 287 -16.24 -9.76 4.69
CA SER A 287 -15.85 -8.38 4.43
C SER A 287 -15.39 -7.69 5.71
N ALA A 288 -16.00 -8.03 6.85
CA ALA A 288 -15.56 -7.45 8.12
C ALA A 288 -14.12 -7.85 8.42
N GLN A 289 -13.74 -9.10 8.15
CA GLN A 289 -12.38 -9.53 8.41
C GLN A 289 -11.40 -8.92 7.41
N ILE A 290 -11.83 -8.78 6.15
CA ILE A 290 -10.96 -8.17 5.14
C ILE A 290 -10.57 -6.75 5.56
N ARG A 291 -11.56 -5.96 6.00
CA ARG A 291 -11.27 -4.61 6.46
C ARG A 291 -10.33 -4.60 7.66
N LYS A 292 -10.40 -5.65 8.49
CA LYS A 292 -9.51 -5.74 9.64
C LYS A 292 -8.08 -6.07 9.26
N ASN A 293 -7.85 -6.64 8.06
CA ASN A 293 -6.55 -7.20 7.73
C ASN A 293 -5.92 -6.63 6.47
N PHE A 294 -6.66 -5.90 5.64
CA PHE A 294 -6.12 -5.33 4.42
C PHE A 294 -6.59 -3.88 4.32
N ALA A 295 -5.65 -2.95 4.44
CA ALA A 295 -5.98 -1.53 4.47
C ALA A 295 -6.51 -1.05 3.13
N LYS A 296 -7.63 -0.34 3.16
CA LYS A 296 -8.26 0.16 1.94
C LYS A 296 -7.51 1.38 1.41
C HIS A 311 -25.51 -5.41 -13.47
N MET A 312 -25.92 -5.97 -14.61
CA MET A 312 -26.90 -5.29 -15.46
C MET A 312 -28.27 -5.32 -14.81
N ARG A 313 -28.93 -4.16 -14.81
CA ARG A 313 -30.28 -4.03 -14.26
C ARG A 313 -31.29 -4.39 -15.34
N LYS A 314 -32.16 -5.36 -15.05
CA LYS A 314 -33.14 -5.84 -16.00
C LYS A 314 -34.54 -5.66 -15.43
N LEU A 315 -35.46 -5.16 -16.26
CA LEU A 315 -36.83 -4.91 -15.84
C LEU A 315 -37.71 -6.10 -16.18
N HIS A 316 -38.59 -6.45 -15.24
CA HIS A 316 -39.42 -7.65 -15.37
C HIS A 316 -40.29 -7.59 -16.61
N LEU A 317 -40.19 -8.62 -17.44
CA LEU A 317 -40.92 -8.79 -18.70
C LEU A 317 -40.52 -7.76 -19.75
N GLY A 318 -39.45 -7.01 -19.52
CA GLY A 318 -38.86 -6.16 -20.53
C GLY A 318 -37.48 -6.67 -20.89
N SER A 319 -36.45 -5.97 -20.41
CA SER A 319 -35.08 -6.42 -20.63
C SER A 319 -34.76 -7.72 -19.91
N SER A 320 -35.60 -8.14 -18.95
CA SER A 320 -35.39 -9.43 -18.30
C SER A 320 -35.60 -10.60 -19.26
N LEU A 321 -36.35 -10.40 -20.33
CA LEU A 321 -36.57 -11.43 -21.34
C LEU A 321 -35.50 -11.29 -22.41
N ASP A 322 -34.33 -11.85 -22.12
CA ASP A 322 -33.19 -11.77 -23.04
C ASP A 322 -32.65 -13.16 -23.36
N TRP B 5 -5.97 8.79 34.73
CA TRP B 5 -4.83 8.60 33.84
C TRP B 5 -5.14 7.56 32.77
N LYS B 6 -4.57 6.37 32.93
CA LYS B 6 -4.77 5.29 31.98
C LYS B 6 -5.90 4.39 32.46
N LYS B 7 -6.94 4.27 31.65
CA LYS B 7 -8.01 3.32 31.95
C LYS B 7 -7.53 1.89 31.72
N GLN B 8 -7.96 0.98 32.57
CA GLN B 8 -7.57 -0.42 32.48
C GLN B 8 -8.71 -1.24 31.91
N ALA B 9 -8.36 -2.15 31.00
CA ALA B 9 -9.34 -3.05 30.39
C ALA B 9 -8.68 -4.40 30.15
N GLU B 10 -9.25 -5.46 30.72
CA GLU B 10 -8.73 -6.80 30.48
C GLU B 10 -8.90 -7.19 29.02
N ASP B 11 -10.05 -6.87 28.43
CA ASP B 11 -10.30 -7.09 27.01
C ASP B 11 -10.78 -5.77 26.43
N ILE B 12 -9.93 -5.12 25.63
CA ILE B 12 -10.28 -3.85 25.01
C ILE B 12 -11.47 -4.00 24.08
N LYS B 13 -11.74 -5.22 23.59
CA LYS B 13 -12.84 -5.45 22.67
C LYS B 13 -14.20 -5.31 23.33
N LYS B 14 -14.27 -5.29 24.66
CA LYS B 14 -15.52 -4.97 25.34
C LYS B 14 -15.84 -3.49 25.30
N ILE B 15 -14.85 -2.65 25.06
CA ILE B 15 -15.04 -1.21 24.98
C ILE B 15 -15.19 -0.74 23.54
N PHE B 16 -14.39 -1.29 22.63
CA PHE B 16 -14.36 -0.87 21.24
C PHE B 16 -14.59 -2.06 20.33
N GLU B 17 -15.34 -1.82 19.25
CA GLU B 17 -15.45 -2.76 18.15
C GLU B 17 -14.49 -2.31 17.05
N PHE B 18 -13.47 -3.14 16.80
CA PHE B 18 -12.42 -2.76 15.84
C PHE B 18 -12.89 -3.09 14.43
N LYS B 19 -13.00 -2.06 13.59
CA LYS B 19 -13.69 -2.15 12.31
C LYS B 19 -12.75 -2.28 11.12
N GLU B 20 -11.68 -1.50 11.05
CA GLU B 20 -10.88 -1.44 9.83
C GLU B 20 -9.46 -0.99 10.16
N THR B 21 -8.48 -1.73 9.69
CA THR B 21 -7.09 -1.31 9.87
C THR B 21 -6.78 -0.14 8.95
N LEU B 22 -6.12 0.88 9.50
CA LEU B 22 -5.78 2.08 8.75
C LEU B 22 -4.31 2.19 8.40
N GLY B 23 -3.42 1.65 9.24
CA GLY B 23 -2.00 1.68 8.98
C GLY B 23 -1.23 0.85 9.98
N THR B 24 -0.17 0.18 9.53
CA THR B 24 0.65 -0.66 10.38
C THR B 24 2.10 -0.23 10.28
N GLY B 25 2.72 0.03 11.43
CA GLY B 25 4.12 0.37 11.52
C GLY B 25 4.92 -0.73 12.21
N ALA B 26 6.20 -0.41 12.45
CA ALA B 26 7.08 -1.40 13.05
C ALA B 26 6.66 -1.76 14.47
N PHE B 27 6.11 -0.81 15.23
CA PHE B 27 5.76 -1.06 16.62
C PHE B 27 4.35 -0.63 16.99
N SER B 28 3.47 -0.35 16.02
CA SER B 28 2.10 0.02 16.33
C SER B 28 1.23 -0.16 15.10
N GLU B 29 -0.08 -0.13 15.33
CA GLU B 29 -1.08 -0.18 14.27
C GLU B 29 -2.26 0.67 14.69
N VAL B 30 -2.77 1.48 13.76
CA VAL B 30 -3.94 2.32 14.00
C VAL B 30 -5.14 1.66 13.36
N VAL B 31 -6.23 1.54 14.12
CA VAL B 31 -7.42 0.83 13.68
C VAL B 31 -8.64 1.72 13.89
N LEU B 32 -9.50 1.80 12.88
CA LEU B 32 -10.78 2.46 13.04
C LEU B 32 -11.66 1.62 13.96
N ALA B 33 -12.11 2.20 15.07
CA ALA B 33 -12.86 1.46 16.08
C ALA B 33 -14.09 2.25 16.50
N GLU B 34 -15.12 1.52 16.90
CA GLU B 34 -16.39 2.10 17.33
C GLU B 34 -16.53 1.89 18.83
N GLU B 35 -16.75 2.98 19.56
CA GLU B 35 -17.03 2.88 20.99
C GLU B 35 -18.41 2.25 21.18
N LYS B 36 -18.44 1.06 21.79
CA LYS B 36 -19.67 0.31 21.90
C LYS B 36 -20.73 1.05 22.68
N ALA B 37 -20.34 1.81 23.71
CA ALA B 37 -21.31 2.48 24.56
C ALA B 37 -21.97 3.67 23.88
N THR B 38 -21.33 4.24 22.85
CA THR B 38 -21.83 5.45 22.22
C THR B 38 -22.04 5.34 20.72
N GLY B 39 -21.39 4.41 20.04
CA GLY B 39 -21.38 4.38 18.59
C GLY B 39 -20.43 5.35 17.95
N LYS B 40 -19.70 6.13 18.74
CA LYS B 40 -18.75 7.08 18.20
C LYS B 40 -17.53 6.37 17.64
N LEU B 41 -16.98 6.93 16.57
CA LEU B 41 -15.83 6.35 15.88
C LEU B 41 -14.55 7.04 16.31
N PHE B 42 -13.49 6.26 16.45
CA PHE B 42 -12.18 6.77 16.83
C PHE B 42 -11.11 6.03 16.04
N ALA B 43 -9.92 6.62 16.00
CA ALA B 43 -8.73 5.96 15.48
C ALA B 43 -7.90 5.50 16.67
N VAL B 44 -7.83 4.19 16.88
CA VAL B 44 -7.19 3.62 18.06
C VAL B 44 -5.81 3.12 17.66
N LYS B 45 -4.78 3.70 18.27
CA LYS B 45 -3.40 3.29 18.05
C LYS B 45 -3.07 2.16 19.02
N CYS B 46 -2.83 0.97 18.50
CA CYS B 46 -2.56 -0.22 19.30
C CYS B 46 -1.06 -0.45 19.37
N ILE B 47 -0.52 -0.46 20.59
CA ILE B 47 0.92 -0.54 20.82
C ILE B 47 1.21 -1.75 21.69
N PRO B 48 1.95 -2.74 21.20
CA PRO B 48 2.37 -3.85 22.06
C PRO B 48 3.36 -3.35 23.12
N LYS B 49 3.15 -3.78 24.36
CA LYS B 49 3.98 -3.30 25.46
C LYS B 49 5.43 -3.73 25.32
N LYS B 50 5.68 -4.87 24.67
CA LYS B 50 7.05 -5.35 24.50
C LYS B 50 7.89 -4.34 23.72
N ALA B 51 7.28 -3.62 22.78
CA ALA B 51 8.02 -2.60 22.04
C ALA B 51 8.49 -1.47 22.96
N LEU B 52 7.80 -1.27 24.08
CA LEU B 52 8.12 -0.21 25.02
C LEU B 52 8.94 -0.70 26.20
N LYS B 53 9.59 -1.86 26.09
CA LYS B 53 10.35 -2.39 27.22
C LYS B 53 11.42 -1.41 27.66
N GLY B 54 12.12 -0.80 26.70
CA GLY B 54 13.16 0.16 27.02
C GLY B 54 12.54 1.49 27.40
N LYS B 55 12.91 2.00 28.57
CA LYS B 55 12.41 3.29 29.09
C LYS B 55 10.88 3.38 29.02
N GLU B 56 10.24 2.60 29.89
CA GLU B 56 8.79 2.67 30.00
C GLU B 56 8.30 4.00 30.60
N SER B 57 9.06 4.58 31.53
CA SER B 57 8.67 5.83 32.18
C SER B 57 8.63 6.95 31.17
N SER B 58 9.55 6.83 30.21
CA SER B 58 9.76 7.71 29.06
C SER B 58 8.52 7.92 28.27
N ILE B 59 7.86 6.82 27.91
CA ILE B 59 6.66 6.88 27.07
C ILE B 59 5.49 7.41 27.86
N GLU B 60 5.39 7.05 29.14
CA GLU B 60 4.28 7.53 29.97
C GLU B 60 4.29 9.04 30.09
N ASN B 61 5.48 9.64 30.24
CA ASN B 61 5.58 11.10 30.29
C ASN B 61 5.10 11.73 28.99
N GLU B 62 5.46 11.12 27.85
CA GLU B 62 4.98 11.60 26.57
C GLU B 62 3.47 11.54 26.49
N ILE B 63 2.89 10.40 26.86
CA ILE B 63 1.43 10.22 26.80
C ILE B 63 0.75 11.22 27.72
N ALA B 64 1.33 11.48 28.89
CA ALA B 64 0.76 12.45 29.81
C ALA B 64 0.70 13.83 29.17
N VAL B 65 1.72 14.20 28.40
CA VAL B 65 1.68 15.51 27.79
C VAL B 65 0.65 15.56 26.65
N LEU B 66 0.63 14.58 25.72
CA LEU B 66 -0.29 14.78 24.59
C LEU B 66 -1.75 14.84 25.04
N ARG B 67 -2.10 14.12 26.10
CA ARG B 67 -3.48 14.16 26.55
C ARG B 67 -3.86 15.58 26.89
N LYS B 68 -2.87 16.41 27.25
CA LYS B 68 -3.10 17.80 27.60
C LYS B 68 -3.04 18.75 26.41
N ILE B 69 -2.38 18.36 25.32
CA ILE B 69 -2.22 19.28 24.20
C ILE B 69 -3.55 19.48 23.49
N LYS B 70 -3.74 20.70 22.98
CA LYS B 70 -4.94 21.04 22.22
C LYS B 70 -4.54 22.04 21.14
N HIS B 71 -4.77 21.65 19.89
CA HIS B 71 -4.39 22.46 18.74
C HIS B 71 -5.33 22.13 17.60
N GLU B 72 -5.78 23.16 16.88
CA GLU B 72 -6.68 22.95 15.73
C GLU B 72 -6.11 21.94 14.74
N ASN B 73 -4.79 21.91 14.55
CA ASN B 73 -4.18 21.08 13.52
C ASN B 73 -3.51 19.83 14.09
N ILE B 74 -3.88 19.41 15.31
CA ILE B 74 -3.39 18.18 15.90
C ILE B 74 -4.58 17.37 16.38
N VAL B 75 -4.62 16.09 16.02
CA VAL B 75 -5.70 15.23 16.48
C VAL B 75 -5.70 15.18 18.00
N ALA B 76 -6.89 15.18 18.58
CA ALA B 76 -7.02 15.09 20.02
C ALA B 76 -6.81 13.66 20.48
N LEU B 77 -6.05 13.50 21.55
CA LEU B 77 -5.91 12.21 22.23
C LEU B 77 -7.06 12.12 23.23
N GLU B 78 -8.08 11.33 22.88
CA GLU B 78 -9.31 11.34 23.65
C GLU B 78 -9.22 10.49 24.91
N ASP B 79 -8.42 9.42 24.89
CA ASP B 79 -8.36 8.50 26.02
C ASP B 79 -7.12 7.63 25.87
N ILE B 80 -6.70 7.05 26.98
CA ILE B 80 -5.63 6.06 27.00
C ILE B 80 -6.16 4.84 27.74
N TYR B 81 -6.12 3.69 27.08
CA TYR B 81 -6.48 2.42 27.70
C TYR B 81 -5.24 1.53 27.79
N GLU B 82 -5.29 0.59 28.74
CA GLU B 82 -4.17 -0.33 28.94
C GLU B 82 -4.71 -1.72 29.23
N SER B 83 -4.20 -2.69 28.49
CA SER B 83 -4.46 -4.10 28.68
C SER B 83 -3.18 -4.79 29.17
N PRO B 84 -3.25 -6.06 29.55
CA PRO B 84 -2.03 -6.74 30.02
C PRO B 84 -0.86 -6.68 29.04
N ASN B 85 -1.11 -6.66 27.73
CA ASN B 85 -0.04 -6.68 26.76
C ASN B 85 -0.04 -5.51 25.78
N HIS B 86 -0.93 -4.54 25.94
CA HIS B 86 -1.02 -3.47 24.95
C HIS B 86 -1.34 -2.13 25.61
N LEU B 87 -0.95 -1.07 24.91
CA LEU B 87 -1.38 0.29 25.17
C LEU B 87 -2.26 0.75 24.01
N TYR B 88 -3.36 1.43 24.33
CA TYR B 88 -4.30 1.90 23.31
C TYR B 88 -4.45 3.40 23.44
N LEU B 89 -4.01 4.14 22.42
CA LEU B 89 -4.23 5.58 22.34
C LEU B 89 -5.49 5.81 21.50
N VAL B 90 -6.53 6.32 22.15
CA VAL B 90 -7.81 6.58 21.49
C VAL B 90 -7.75 8.00 20.93
N MET B 91 -7.64 8.12 19.62
CA MET B 91 -7.46 9.40 18.96
C MET B 91 -8.72 9.80 18.21
N GLN B 92 -8.86 11.12 18.03
CA GLN B 92 -9.92 11.65 17.19
C GLN B 92 -9.79 11.13 15.76
N LEU B 93 -10.92 10.71 15.19
CA LEU B 93 -10.94 10.16 13.84
C LEU B 93 -11.06 11.30 12.83
N VAL B 94 -10.11 11.36 11.90
CA VAL B 94 -10.10 12.36 10.84
C VAL B 94 -10.50 11.67 9.54
N SER B 95 -11.65 12.06 8.98
CA SER B 95 -12.21 11.38 7.82
C SER B 95 -12.33 12.30 6.60
N GLY B 96 -11.67 13.47 6.62
CA GLY B 96 -11.82 14.41 5.53
C GLY B 96 -11.13 13.99 4.25
N GLY B 97 -10.11 13.16 4.34
CA GLY B 97 -9.40 12.69 3.16
C GLY B 97 -7.90 12.88 3.28
N GLU B 98 -7.20 12.25 2.34
CA GLU B 98 -5.74 12.22 2.33
C GLU B 98 -5.17 13.44 1.62
N LEU B 99 -3.91 13.76 1.96
CA LEU B 99 -3.28 14.98 1.49
C LEU B 99 -3.09 14.99 -0.02
N PHE B 100 -2.50 13.92 -0.57
CA PHE B 100 -2.19 13.91 -2.00
C PHE B 100 -3.44 13.78 -2.86
N ASP B 101 -4.45 13.06 -2.37
CA ASP B 101 -5.71 12.93 -3.11
C ASP B 101 -6.31 14.30 -3.42
N ARG B 102 -6.32 15.19 -2.42
CA ARG B 102 -6.88 16.52 -2.60
C ARG B 102 -6.13 17.29 -3.69
N ILE B 103 -4.80 17.23 -3.67
CA ILE B 103 -4.01 17.96 -4.65
C ILE B 103 -4.26 17.43 -6.06
N VAL B 104 -4.38 16.10 -6.19
CA VAL B 104 -4.64 15.51 -7.51
C VAL B 104 -5.99 15.97 -8.04
N GLU B 105 -7.01 15.99 -7.19
CA GLU B 105 -8.35 16.35 -7.65
C GLU B 105 -8.54 17.85 -7.79
N LYS B 106 -7.59 18.66 -7.32
CA LYS B 106 -7.73 20.10 -7.38
C LYS B 106 -7.53 20.58 -8.81
N GLY B 107 -8.17 21.70 -9.15
CA GLY B 107 -8.07 22.24 -10.47
C GLY B 107 -6.90 23.22 -10.59
N PHE B 108 -6.72 24.01 -9.54
CA PHE B 108 -5.69 25.03 -9.46
C PHE B 108 -4.91 24.83 -8.16
N TYR B 109 -3.59 24.75 -8.27
CA TYR B 109 -2.74 24.46 -7.11
C TYR B 109 -1.44 25.25 -7.24
N THR B 110 -1.09 25.97 -6.18
CA THR B 110 0.00 26.96 -6.24
C THR B 110 0.92 26.81 -5.04
N GLU B 111 2.01 27.60 -5.07
N GLU B 111 1.99 27.61 -5.07
CA GLU B 111 2.89 27.70 -3.92
CA GLU B 111 2.89 27.70 -3.92
C GLU B 111 2.14 28.19 -2.69
C GLU B 111 2.18 28.23 -2.69
N LYS B 112 1.19 29.10 -2.89
CA LYS B 112 0.42 29.61 -1.76
C LYS B 112 -0.40 28.51 -1.10
N ASP B 113 -0.92 27.57 -1.89
CA ASP B 113 -1.61 26.42 -1.33
C ASP B 113 -0.66 25.58 -0.49
N ALA B 114 0.53 25.29 -1.02
CA ALA B 114 1.51 24.52 -0.28
C ALA B 114 1.97 25.28 0.97
N SER B 115 2.16 26.59 0.86
CA SER B 115 2.59 27.38 2.00
C SER B 115 1.52 27.41 3.09
N THR B 116 0.24 27.49 2.70
CA THR B 116 -0.83 27.43 3.68
C THR B 116 -0.82 26.11 4.44
N LEU B 117 -0.58 25.00 3.73
CA LEU B 117 -0.51 23.70 4.39
C LEU B 117 0.69 23.64 5.34
N ILE B 118 1.86 24.07 4.86
CA ILE B 118 3.06 24.04 5.70
C ILE B 118 2.92 24.95 6.90
N ARG B 119 2.21 26.08 6.73
CA ARG B 119 2.01 27.00 7.85
C ARG B 119 1.27 26.32 8.99
N GLN B 120 0.24 25.53 8.67
CA GLN B 120 -0.48 24.80 9.71
C GLN B 120 0.40 23.75 10.36
N VAL B 121 1.20 23.03 9.57
CA VAL B 121 2.08 22.01 10.13
C VAL B 121 3.14 22.66 11.01
N LEU B 122 3.70 23.79 10.56
CA LEU B 122 4.70 24.49 11.37
C LEU B 122 4.13 24.93 12.70
N ASP B 123 2.93 25.48 12.70
CA ASP B 123 2.32 25.94 13.95
C ASP B 123 2.03 24.77 14.88
N ALA B 124 1.59 23.63 14.33
CA ALA B 124 1.30 22.47 15.14
C ALA B 124 2.57 21.87 15.75
N VAL B 125 3.63 21.77 14.96
CA VAL B 125 4.86 21.15 15.45
C VAL B 125 5.59 22.09 16.40
N TYR B 126 5.55 23.40 16.13
CA TYR B 126 6.07 24.37 17.08
C TYR B 126 5.40 24.22 18.44
N TYR B 127 4.08 24.08 18.45
CA TYR B 127 3.35 23.87 19.69
C TYR B 127 3.80 22.59 20.38
N LEU B 128 3.90 21.49 19.62
CA LEU B 128 4.41 20.24 20.17
C LEU B 128 5.79 20.43 20.79
N HIS B 129 6.68 21.16 20.10
CA HIS B 129 8.02 21.40 20.60
C HIS B 129 7.99 22.25 21.87
N ARG B 130 7.08 23.23 21.94
CA ARG B 130 6.96 24.05 23.14
C ARG B 130 6.57 23.19 24.34
N MET B 131 5.74 22.17 24.12
CA MET B 131 5.33 21.26 25.18
C MET B 131 6.34 20.13 25.41
N GLY B 132 7.48 20.18 24.73
CA GLY B 132 8.55 19.23 24.95
C GLY B 132 8.41 17.90 24.25
N ILE B 133 7.62 17.81 23.19
CA ILE B 133 7.44 16.55 22.47
C ILE B 133 8.06 16.67 21.09
N VAL B 134 8.86 15.68 20.72
CA VAL B 134 9.33 15.50 19.36
C VAL B 134 8.38 14.53 18.67
N HIS B 135 7.82 14.93 17.53
CA HIS B 135 6.83 14.08 16.87
C HIS B 135 7.48 12.81 16.36
N ARG B 136 8.61 12.94 15.67
CA ARG B 136 9.57 11.88 15.35
C ARG B 136 9.07 10.97 14.23
N ASP B 137 7.90 11.25 13.64
CA ASP B 137 7.41 10.49 12.48
C ASP B 137 6.54 11.37 11.59
N LEU B 138 7.03 12.55 11.22
CA LEU B 138 6.27 13.46 10.36
C LEU B 138 6.44 13.08 8.89
N LYS B 139 5.33 12.79 8.22
CA LYS B 139 5.35 12.42 6.81
C LYS B 139 3.98 12.73 6.21
N PRO B 140 3.88 12.83 4.88
CA PRO B 140 2.58 13.19 4.27
C PRO B 140 1.45 12.26 4.64
N GLU B 141 1.75 10.98 4.85
CA GLU B 141 0.71 10.01 5.18
C GLU B 141 0.08 10.28 6.55
N ASN B 142 0.76 11.02 7.42
CA ASN B 142 0.23 11.39 8.72
C ASN B 142 -0.54 12.70 8.70
N LEU B 143 -0.74 13.29 7.53
CA LEU B 143 -1.47 14.56 7.39
C LEU B 143 -2.79 14.29 6.69
N LEU B 144 -3.90 14.52 7.39
CA LEU B 144 -5.24 14.29 6.87
C LEU B 144 -6.10 15.53 7.05
N TYR B 145 -7.04 15.71 6.13
CA TYR B 145 -7.94 16.86 6.16
C TYR B 145 -9.10 16.60 7.11
N TYR B 146 -9.50 17.64 7.86
CA TYR B 146 -10.60 17.49 8.80
C TYR B 146 -11.91 17.15 8.07
N SER B 147 -12.16 17.78 6.94
CA SER B 147 -13.39 17.56 6.19
C SER B 147 -13.11 17.60 4.69
N GLN B 148 -14.14 17.29 3.91
CA GLN B 148 -14.08 17.31 2.46
C GLN B 148 -14.12 18.72 1.89
N ASP B 149 -14.44 19.72 2.72
CA ASP B 149 -14.51 21.10 2.26
C ASP B 149 -13.21 21.51 1.59
N GLU B 150 -13.32 22.30 0.53
CA GLU B 150 -12.15 22.71 -0.23
C GLU B 150 -11.15 23.46 0.64
N GLU B 151 -11.64 24.20 1.63
CA GLU B 151 -10.79 24.99 2.52
C GLU B 151 -10.54 24.30 3.86
N SER B 152 -10.75 22.98 3.93
CA SER B 152 -10.60 22.28 5.20
C SER B 152 -9.17 22.39 5.71
N LYS B 153 -9.04 22.51 7.03
CA LYS B 153 -7.73 22.51 7.66
C LYS B 153 -7.08 21.12 7.54
N ILE B 154 -5.76 21.11 7.66
CA ILE B 154 -4.99 19.88 7.68
C ILE B 154 -4.71 19.53 9.13
N MET B 155 -4.48 18.25 9.39
CA MET B 155 -4.32 17.77 10.76
C MET B 155 -3.25 16.69 10.84
N ILE B 156 -2.31 16.86 11.76
CA ILE B 156 -1.44 15.77 12.16
C ILE B 156 -2.28 14.71 12.85
N SER B 157 -2.33 13.50 12.26
CA SER B 157 -3.33 12.51 12.64
C SER B 157 -2.75 11.28 13.31
N ASP B 158 -1.43 11.20 13.49
CA ASP B 158 -0.81 10.08 14.17
C ASP B 158 0.47 10.57 14.83
N PHE B 159 0.99 9.77 15.75
CA PHE B 159 2.20 10.10 16.48
C PHE B 159 3.21 8.98 16.35
N GLY B 160 4.49 9.32 16.47
CA GLY B 160 5.56 8.35 16.33
C GLY B 160 6.32 8.07 17.61
N PRO B 178 12.52 5.37 4.73
CA PRO B 178 13.68 6.16 5.14
C PRO B 178 13.78 7.49 4.41
N GLY B 179 12.96 7.67 3.39
CA GLY B 179 13.03 8.89 2.58
C GLY B 179 12.74 10.16 3.35
N TYR B 180 11.89 10.08 4.38
CA TYR B 180 11.47 11.26 5.13
C TYR B 180 12.30 11.49 6.39
N VAL B 181 13.26 10.64 6.68
CA VAL B 181 13.96 10.63 7.96
C VAL B 181 15.22 11.48 7.88
N ALA B 182 15.53 12.17 8.98
CA ALA B 182 16.67 13.08 9.02
C ALA B 182 17.99 12.30 8.94
N PRO B 183 19.06 12.94 8.45
CA PRO B 183 20.34 12.22 8.33
C PRO B 183 20.89 11.69 9.65
N GLU B 184 20.79 12.46 10.73
CA GLU B 184 21.35 12.01 12.00
C GLU B 184 20.60 10.81 12.56
N VAL B 185 19.31 10.67 12.23
CA VAL B 185 18.56 9.50 12.67
C VAL B 185 19.08 8.24 11.97
N LEU B 186 19.29 8.32 10.65
CA LEU B 186 19.82 7.17 9.93
C LEU B 186 21.23 6.84 10.38
N ALA B 187 22.04 7.87 10.66
CA ALA B 187 23.39 7.67 11.19
C ALA B 187 23.40 7.17 12.63
N GLN B 188 22.23 6.95 13.25
CA GLN B 188 22.11 6.51 14.65
C GLN B 188 22.73 7.51 15.63
N LYS B 189 23.02 8.72 15.17
CA LYS B 189 23.52 9.77 16.04
C LYS B 189 22.39 10.27 16.95
N PRO B 190 22.73 10.95 18.05
CA PRO B 190 21.68 11.49 18.91
C PRO B 190 20.87 12.54 18.17
N TYR B 191 19.56 12.48 18.35
CA TYR B 191 18.65 13.37 17.65
C TYR B 191 17.91 14.27 18.64
N SER B 192 17.20 15.24 18.09
CA SER B 192 16.45 16.23 18.86
C SER B 192 15.23 16.64 18.06
N LYS B 193 14.51 17.66 18.56
CA LYS B 193 13.38 18.22 17.84
C LYS B 193 13.72 18.66 16.42
N ALA B 194 15.01 18.91 16.14
CA ALA B 194 15.41 19.35 14.81
C ALA B 194 15.02 18.36 13.72
N VAL B 195 14.89 17.07 14.07
CA VAL B 195 14.51 16.08 13.06
C VAL B 195 13.09 16.32 12.57
N ASP B 196 12.22 16.89 13.40
CA ASP B 196 10.88 17.25 12.94
C ASP B 196 10.95 18.33 11.87
N CYS B 197 11.86 19.28 12.03
CA CYS B 197 11.98 20.36 11.05
C CYS B 197 12.50 19.84 9.71
N TRP B 198 13.43 18.88 9.74
CA TRP B 198 13.87 18.22 8.51
C TRP B 198 12.69 17.61 7.77
N SER B 199 11.83 16.89 8.48
CA SER B 199 10.69 16.23 7.84
C SER B 199 9.76 17.26 7.20
N ILE B 200 9.56 18.40 7.85
CA ILE B 200 8.71 19.44 7.28
C ILE B 200 9.30 19.95 5.97
N GLY B 201 10.63 20.10 5.91
CA GLY B 201 11.27 20.48 4.66
C GLY B 201 11.04 19.46 3.57
N VAL B 202 11.08 18.17 3.92
CA VAL B 202 10.82 17.13 2.93
C VAL B 202 9.38 17.19 2.44
N ILE B 203 8.43 17.42 3.36
CA ILE B 203 7.03 17.55 2.96
C ILE B 203 6.84 18.73 2.02
N ALA B 204 7.48 19.86 2.34
CA ALA B 204 7.37 21.04 1.48
C ALA B 204 7.94 20.76 0.10
N TYR B 205 9.05 20.02 0.03
CA TYR B 205 9.62 19.64 -1.26
C TYR B 205 8.61 18.88 -2.11
N ILE B 206 7.97 17.87 -1.53
CA ILE B 206 7.01 17.05 -2.26
C ILE B 206 5.82 17.89 -2.70
N LEU B 207 5.39 18.82 -1.84
CA LEU B 207 4.24 19.66 -2.15
C LEU B 207 4.48 20.57 -3.35
N LEU B 208 5.74 20.87 -3.66
CA LEU B 208 6.05 21.81 -4.74
C LEU B 208 6.44 21.13 -6.05
N CYS B 209 6.72 19.82 -6.03
CA CYS B 209 7.07 19.13 -7.26
C CYS B 209 6.39 17.78 -7.44
N GLY B 210 5.88 17.15 -6.38
CA GLY B 210 5.16 15.89 -6.50
C GLY B 210 6.00 14.64 -6.39
N TYR B 211 7.30 14.76 -6.12
CA TYR B 211 8.15 13.58 -5.96
C TYR B 211 9.08 13.79 -4.77
N PRO B 212 9.50 12.71 -4.11
CA PRO B 212 10.36 12.86 -2.94
C PRO B 212 11.73 13.39 -3.32
N PRO B 213 12.38 14.15 -2.44
CA PRO B 213 13.68 14.73 -2.81
C PRO B 213 14.78 13.70 -2.97
N PHE B 214 14.68 12.54 -2.33
CA PHE B 214 15.68 11.50 -2.42
C PHE B 214 15.06 10.26 -3.04
N TYR B 215 15.69 9.73 -4.08
CA TYR B 215 15.27 8.48 -4.68
C TYR B 215 16.45 7.82 -5.37
N ASP B 216 16.52 6.50 -5.26
CA ASP B 216 17.38 5.68 -6.12
C ASP B 216 16.87 4.26 -6.09
N GLU B 217 17.12 3.52 -7.17
CA GLU B 217 16.74 2.12 -7.23
C GLU B 217 17.46 1.31 -6.17
N ASN B 218 18.71 1.64 -5.90
CA ASN B 218 19.52 0.92 -4.92
C ASN B 218 19.33 1.54 -3.55
N ASP B 219 18.87 0.73 -2.59
CA ASP B 219 18.62 1.24 -1.24
C ASP B 219 19.88 1.78 -0.61
N SER B 220 21.03 1.14 -0.87
CA SER B 220 22.28 1.59 -0.28
C SER B 220 22.66 2.98 -0.76
N LYS B 221 22.49 3.25 -2.06
CA LYS B 221 22.76 4.59 -2.56
C LYS B 221 21.71 5.59 -2.10
N LEU B 222 20.47 5.12 -1.92
CA LEU B 222 19.43 5.99 -1.35
C LEU B 222 19.80 6.38 0.07
N PHE B 223 20.24 5.42 0.88
CA PHE B 223 20.73 5.73 2.21
C PHE B 223 21.90 6.71 2.14
N GLU B 224 22.83 6.48 1.21
CA GLU B 224 23.98 7.36 1.06
C GLU B 224 23.57 8.78 0.70
N GLN B 225 22.53 8.92 -0.13
CA GLN B 225 22.11 10.25 -0.57
C GLN B 225 21.41 11.02 0.55
N ILE B 226 20.60 10.32 1.35
CA ILE B 226 19.96 10.98 2.49
C ILE B 226 21.00 11.34 3.55
N LEU B 227 21.91 10.42 3.84
CA LEU B 227 22.93 10.65 4.86
C LEU B 227 23.78 11.87 4.53
N LYS B 228 24.05 12.10 3.25
CA LYS B 228 24.81 13.26 2.80
C LYS B 228 23.93 14.46 2.47
N ALA B 229 22.61 14.33 2.62
CA ALA B 229 21.66 15.39 2.27
C ALA B 229 21.88 15.86 0.84
N GLU B 230 22.09 14.90 -0.06
CA GLU B 230 22.35 15.17 -1.47
C GLU B 230 21.03 15.22 -2.21
N TYR B 231 20.56 16.43 -2.49
CA TYR B 231 19.34 16.62 -3.27
C TYR B 231 19.50 17.87 -4.13
N GLU B 232 18.61 18.00 -5.11
CA GLU B 232 18.64 19.14 -6.02
C GLU B 232 17.21 19.58 -6.31
N PHE B 233 17.08 20.82 -6.75
CA PHE B 233 15.81 21.34 -7.26
C PHE B 233 15.81 21.15 -8.76
N ASP B 234 15.49 19.93 -9.18
CA ASP B 234 15.74 19.48 -10.54
C ASP B 234 14.93 20.28 -11.56
N SER B 235 15.55 20.55 -12.70
CA SER B 235 14.86 21.08 -13.86
C SER B 235 14.18 19.94 -14.62
N PRO B 236 13.03 20.20 -15.26
CA PRO B 236 12.33 21.50 -15.31
C PRO B 236 11.27 21.66 -14.24
N TYR B 237 11.14 20.66 -13.37
CA TYR B 237 10.05 20.65 -12.40
C TYR B 237 10.15 21.83 -11.44
N TRP B 238 11.36 22.22 -11.07
CA TRP B 238 11.59 23.32 -10.13
C TRP B 238 11.91 24.63 -10.84
N ASP B 239 11.84 24.66 -12.18
CA ASP B 239 12.23 25.87 -12.92
C ASP B 239 11.31 27.04 -12.59
N ASP B 240 10.02 26.78 -12.40
CA ASP B 240 9.04 27.83 -12.15
C ASP B 240 8.74 28.02 -10.67
N ILE B 241 9.52 27.41 -9.78
CA ILE B 241 9.37 27.58 -8.34
C ILE B 241 10.24 28.74 -7.89
N SER B 242 9.70 29.57 -7.00
CA SER B 242 10.39 30.78 -6.57
C SER B 242 11.68 30.45 -5.80
N ASP B 243 12.63 31.38 -5.86
CA ASP B 243 13.86 31.23 -5.08
C ASP B 243 13.56 31.21 -3.58
N SER B 244 12.56 31.99 -3.15
CA SER B 244 12.21 32.03 -1.74
C SER B 244 11.77 30.65 -1.25
N ALA B 245 11.00 29.92 -2.06
CA ALA B 245 10.59 28.58 -1.68
C ALA B 245 11.79 27.65 -1.57
N LYS B 246 12.71 27.73 -2.53
CA LYS B 246 13.92 26.90 -2.48
C LYS B 246 14.78 27.27 -1.29
N ASP B 247 14.89 28.57 -0.98
CA ASP B 247 15.62 29.00 0.21
C ASP B 247 14.96 28.48 1.47
N PHE B 248 13.62 28.53 1.53
CA PHE B 248 12.90 27.98 2.67
C PHE B 248 13.19 26.51 2.87
N ILE B 249 13.14 25.74 1.78
CA ILE B 249 13.38 24.30 1.86
C ILE B 249 14.84 24.02 2.23
N ARG B 250 15.78 24.79 1.67
CA ARG B 250 17.20 24.58 1.96
C ARG B 250 17.49 24.68 3.45
N ASN B 251 16.89 25.66 4.13
CA ASN B 251 17.16 25.85 5.55
C ASN B 251 16.59 24.73 6.41
N LEU B 252 15.50 24.10 5.96
CA LEU B 252 14.93 22.98 6.71
C LEU B 252 15.63 21.67 6.38
N MET B 253 15.91 21.43 5.10
CA MET B 253 16.65 20.23 4.70
C MET B 253 18.16 20.49 4.75
N GLU B 254 18.59 20.90 5.94
CA GLU B 254 19.99 21.18 6.22
C GLU B 254 20.61 20.00 6.98
N LYS B 255 21.73 19.49 6.47
CA LYS B 255 22.34 18.29 7.05
C LYS B 255 22.68 18.49 8.53
N ASP B 256 23.25 19.64 8.87
CA ASP B 256 23.65 19.92 10.25
C ASP B 256 22.43 20.37 11.05
N PRO B 257 21.99 19.58 12.04
CA PRO B 257 20.84 20.02 12.85
C PRO B 257 21.11 21.26 13.66
N ASN B 258 22.38 21.58 13.95
CA ASN B 258 22.70 22.83 14.65
C ASN B 258 22.47 24.05 13.78
N LYS B 259 22.48 23.89 12.47
CA LYS B 259 22.23 24.99 11.54
C LYS B 259 20.84 24.92 10.94
N ARG B 260 20.08 23.87 11.24
CA ARG B 260 18.76 23.68 10.67
C ARG B 260 17.77 24.67 11.27
N TYR B 261 16.89 25.22 10.43
CA TYR B 261 15.82 26.09 10.91
C TYR B 261 15.02 25.42 12.00
N THR B 262 14.63 26.20 13.01
CA THR B 262 13.61 25.75 13.92
C THR B 262 12.23 25.98 13.32
N CYS B 263 11.20 25.43 13.98
CA CYS B 263 9.83 25.68 13.55
C CYS B 263 9.50 27.16 13.60
N GLU B 264 9.95 27.85 14.65
CA GLU B 264 9.66 29.27 14.80
C GLU B 264 10.39 30.10 13.74
N GLN B 265 11.64 29.73 13.43
CA GLN B 265 12.36 30.40 12.35
C GLN B 265 11.65 30.21 11.01
N ALA B 266 11.25 28.98 10.71
CA ALA B 266 10.59 28.69 9.43
C ALA B 266 9.25 29.41 9.33
N ALA B 267 8.54 29.53 10.45
CA ALA B 267 7.26 30.22 10.43
C ALA B 267 7.42 31.70 10.09
N ARG B 268 8.57 32.28 10.42
CA ARG B 268 8.85 33.68 10.10
C ARG B 268 9.36 33.88 8.69
N HIS B 269 9.72 32.80 7.99
CA HIS B 269 10.27 32.94 6.65
C HIS B 269 9.27 33.63 5.73
N PRO B 270 9.72 34.51 4.83
CA PRO B 270 8.78 35.22 3.95
C PRO B 270 7.89 34.31 3.13
N TRP B 271 8.33 33.09 2.81
CA TRP B 271 7.46 32.18 2.07
C TRP B 271 6.25 31.77 2.89
N ILE B 272 6.39 31.69 4.21
CA ILE B 272 5.26 31.37 5.08
C ILE B 272 4.59 32.63 5.58
N ALA B 273 5.35 33.55 6.17
CA ALA B 273 4.78 34.72 6.83
C ALA B 273 4.57 35.91 5.90
N GLY B 274 5.26 35.97 4.78
CA GLY B 274 5.15 37.08 3.85
C GLY B 274 4.34 36.72 2.62
N ASP B 275 4.68 37.35 1.50
CA ASP B 275 3.94 37.19 0.25
C ASP B 275 4.84 36.76 -0.89
N THR B 276 5.94 36.06 -0.59
CA THR B 276 6.83 35.59 -1.64
C THR B 276 6.34 34.31 -2.31
N ALA B 277 5.36 33.62 -1.71
CA ALA B 277 4.80 32.43 -2.33
C ALA B 277 4.03 32.81 -3.59
N LEU B 278 4.33 32.14 -4.69
CA LEU B 278 3.74 32.49 -5.97
C LEU B 278 2.33 31.91 -6.11
N ASN B 279 1.58 32.46 -7.06
CA ASN B 279 0.24 32.00 -7.38
C ASN B 279 0.19 31.28 -8.73
N LYS B 280 1.33 30.83 -9.23
CA LYS B 280 1.35 30.10 -10.49
C LYS B 280 0.74 28.72 -10.31
N ASN B 281 -0.08 28.32 -11.29
CA ASN B 281 -0.70 27.00 -11.27
C ASN B 281 0.34 25.96 -11.65
N ILE B 282 0.72 25.12 -10.68
CA ILE B 282 1.67 24.05 -10.90
C ILE B 282 1.00 22.69 -10.79
N HIS B 283 -0.34 22.65 -10.88
CA HIS B 283 -1.08 21.41 -10.64
C HIS B 283 -0.73 20.33 -11.65
N GLU B 284 -0.55 20.71 -12.93
CA GLU B 284 -0.34 19.70 -13.96
C GLU B 284 0.92 18.88 -13.69
N SER B 285 2.05 19.56 -13.49
CA SER B 285 3.30 18.85 -13.28
C SER B 285 3.33 18.14 -11.94
N VAL B 286 2.81 18.78 -10.89
CA VAL B 286 2.85 18.20 -9.55
C VAL B 286 1.99 16.94 -9.49
N SER B 287 0.76 17.02 -10.01
CA SER B 287 -0.13 15.85 -9.98
C SER B 287 0.40 14.71 -10.84
N ALA B 288 1.04 15.05 -11.98
CA ALA B 288 1.64 14.02 -12.81
C ALA B 288 2.74 13.28 -12.05
N GLN B 289 3.55 14.01 -11.28
CA GLN B 289 4.61 13.36 -10.52
C GLN B 289 4.04 12.56 -9.35
N ILE B 290 2.97 13.05 -8.72
CA ILE B 290 2.34 12.32 -7.63
C ILE B 290 1.88 10.94 -8.10
N ARG B 291 1.31 10.87 -9.29
N ARG B 291 1.30 10.88 -9.30
CA ARG B 291 0.86 9.58 -9.82
CA ARG B 291 0.87 9.60 -9.87
C ARG B 291 2.04 8.65 -10.08
C ARG B 291 2.04 8.66 -10.05
N LYS B 292 3.22 9.20 -10.40
CA LYS B 292 4.39 8.38 -10.66
C LYS B 292 5.02 7.81 -9.39
N ASN B 293 4.75 8.40 -8.22
CA ASN B 293 5.49 8.09 -7.01
C ASN B 293 4.64 7.61 -5.85
N PHE B 294 3.32 7.77 -5.91
CA PHE B 294 2.43 7.35 -4.82
C PHE B 294 1.24 6.62 -5.44
N ALA B 295 1.13 5.33 -5.16
CA ALA B 295 0.08 4.52 -5.78
C ALA B 295 -1.29 4.98 -5.30
N LYS B 296 -2.19 5.23 -6.25
CA LYS B 296 -3.53 5.72 -5.95
C LYS B 296 -4.44 4.61 -5.44
N MET B 312 -15.23 17.03 -22.27
CA MET B 312 -14.01 17.56 -22.86
C MET B 312 -14.16 19.05 -23.17
N ARG B 313 -13.15 19.84 -22.79
CA ARG B 313 -13.13 21.26 -23.08
C ARG B 313 -12.55 21.49 -24.46
N LYS B 314 -13.33 22.14 -25.32
CA LYS B 314 -12.92 22.41 -26.69
C LYS B 314 -13.00 23.91 -26.96
N LEU B 315 -11.96 24.44 -27.61
CA LEU B 315 -11.89 25.87 -27.89
C LEU B 315 -12.42 26.15 -29.29
N HIS B 316 -13.21 27.22 -29.40
CA HIS B 316 -13.88 27.54 -30.66
C HIS B 316 -12.87 27.76 -31.78
N LEU B 317 -13.06 27.02 -32.87
CA LEU B 317 -12.20 27.05 -34.07
C LEU B 317 -10.80 26.53 -33.79
N GLY B 318 -10.58 25.92 -32.62
CA GLY B 318 -9.36 25.19 -32.35
C GLY B 318 -9.64 23.71 -32.21
N SER B 319 -9.62 23.21 -30.98
CA SER B 319 -9.96 21.82 -30.73
C SER B 319 -11.44 21.52 -30.99
N SER B 320 -12.29 22.54 -31.11
CA SER B 320 -13.69 22.31 -31.43
C SER B 320 -13.87 21.78 -32.85
N LEU B 321 -12.91 22.01 -33.75
CA LEU B 321 -12.98 21.51 -35.12
C LEU B 321 -12.31 20.15 -35.16
N ASP B 322 -13.07 19.13 -34.76
CA ASP B 322 -12.57 17.76 -34.71
C ASP B 322 -13.45 16.83 -35.53
C1 MMW C . 0.62 -5.94 -7.19
C2 MMW C . -0.57 -5.08 -7.61
C3 MMW C . -0.17 -4.11 -8.70
C4 MMW C . 1.70 -5.56 -9.39
C5 MMW C . 0.03 -4.86 -11.06
C7 MMW C . -1.05 -5.17 -13.51
C9 MMW C . -1.62 -4.30 -12.53
N MMW C . 2.49 -7.38 -7.91
C MMW C . 1.32 -6.61 -8.36
O MMW C . -2.48 -4.76 -15.37
C10 MMW C . -3.44 -2.53 -12.21
C11 MMW C . -3.47 -2.38 -10.84
C12 MMW C . -4.21 -1.37 -10.26
C13 MMW C . -4.93 -0.50 -11.06
C14 MMW C . -4.91 -0.63 -12.45
C15 MMW C . -4.18 -1.67 -13.02
C16 MMW C . -5.60 0.36 -13.32
C6 MMW C . 0.17 -5.72 -13.14
C8 MMW C . -1.64 -5.52 -14.84
F MMW C . -6.37 1.21 -12.64
F1 MMW C . -6.39 -0.21 -14.23
F2 MMW C . -4.75 1.11 -14.00
N1 MMW C . 0.51 -4.82 -9.79
N2 MMW C . 0.75 -5.55 -11.95
N3 MMW C . -1.24 -6.65 -15.41
N4 MMW C . -2.62 -3.46 -12.90
N5 MMW C . -1.16 -4.26 -11.28
C1 MMW D . -0.86 6.43 8.31
C2 MMW D . -2.20 6.69 7.64
C3 MMW D . -3.32 5.98 8.37
C4 MMW D . -2.01 5.93 10.46
C5 MMW D . -4.25 6.92 10.46
C7 MMW D . -6.11 8.42 11.72
C9 MMW D . -6.30 7.92 10.40
N MMW D . 0.44 6.33 10.41
C MMW D . -0.86 6.68 9.81
O MMW D . -8.19 9.52 12.06
C10 MMW D . -8.08 7.64 8.57
C11 MMW D . -7.30 7.22 7.50
C12 MMW D . -7.90 6.75 6.35
C13 MMW D . -9.29 6.69 6.26
C14 MMW D . -10.07 7.11 7.33
C15 MMW D . -9.46 7.60 8.48
C16 MMW D . -11.55 6.96 7.27
C6 MMW D . -4.98 7.94 12.34
C8 MMW D . -7.01 9.38 12.43
F MMW D . -12.05 7.11 6.06
F1 MMW D . -12.18 7.84 8.05
F2 MMW D . -11.96 5.76 7.69
N1 MMW D . -3.26 6.29 9.80
N2 MMW D . -4.06 7.15 11.76
N3 MMW D . -6.50 10.04 13.46
N4 MMW D . -7.54 7.99 9.83
N5 MMW D . -5.32 7.31 9.74
#